data_2IHA
#
_entry.id   2IHA
#
_cell.length_a   1.000
_cell.length_b   1.000
_cell.length_c   1.000
_cell.angle_alpha   90.00
_cell.angle_beta   90.00
_cell.angle_gamma   90.00
#
_symmetry.space_group_name_H-M   'P 1'
#
_entity_poly.entity_id   1
_entity_poly.type   'polypeptide(L)'
_entity_poly.pdbx_seq_one_letter_code
;VCCGYKLCH(HYP)C(NH2)
;
_entity_poly.pdbx_strand_id   A
#
loop_
_chem_comp.id
_chem_comp.type
_chem_comp.name
_chem_comp.formula
NH2 non-polymer 'AMINO GROUP' 'H2 N'
#
# COMPACT_ATOMS: atom_id res chain seq x y z
N VAL A 1 2.84 -1.50 2.27
CA VAL A 1 1.85 -1.58 1.17
C VAL A 1 0.84 -2.76 1.39
N CYS A 2 -0.32 -2.47 1.99
CA CYS A 2 -1.39 -3.50 2.23
C CYS A 2 -2.34 -3.82 1.01
N CYS A 3 -1.82 -3.85 -0.23
CA CYS A 3 -2.62 -4.15 -1.45
C CYS A 3 -1.82 -4.77 -2.65
N GLY A 4 -0.59 -4.30 -2.93
CA GLY A 4 0.14 -4.63 -4.19
C GLY A 4 0.60 -3.39 -4.99
N TYR A 5 -0.34 -2.52 -5.37
CA TYR A 5 -0.06 -1.17 -5.96
C TYR A 5 0.65 -0.21 -4.96
N LYS A 6 1.70 0.52 -5.40
CA LYS A 6 2.66 1.18 -4.47
C LYS A 6 2.19 2.60 -3.95
N LEU A 7 1.11 2.56 -3.16
CA LEU A 7 0.44 3.77 -2.57
C LEU A 7 -0.35 3.50 -1.23
N CYS A 8 -0.82 2.27 -0.97
CA CYS A 8 -1.74 1.90 0.14
C CYS A 8 -1.40 2.17 1.65
N HIS A 9 -0.19 2.62 1.99
CA HIS A 9 0.16 3.01 3.40
C HIS A 9 0.09 4.57 3.63
N HYP A 10 -0.40 5.11 4.80
CA HYP A 10 -0.89 4.32 5.96
C HYP A 10 -2.32 3.69 5.75
O HYP A 10 -3.24 4.31 5.21
CB HYP A 10 -0.82 5.36 7.10
CG HYP A 10 -1.06 6.72 6.41
CD HYP A 10 -0.38 6.56 5.05
OD1 HYP A 10 -0.48 7.75 7.19
HA HYP A 10 -0.17 3.52 6.21
HB2 HYP A 10 -1.54 5.17 7.91
HB3 HYP A 10 0.19 5.35 7.55
HG HYP A 10 -2.15 6.89 6.28
HD22 HYP A 10 -0.91 7.14 4.26
HD23 HYP A 10 0.67 6.94 5.09
HD1 HYP A 10 -0.68 7.54 8.13
N CYS A 11 -2.46 2.41 6.10
CA CYS A 11 -3.59 1.57 5.68
C CYS A 11 -4.82 1.67 6.64
N NH2 A 12 -5.71 2.65 6.27
HN1 NH2 A 12 -6.55 2.81 6.84
HN2 NH2 A 12 -5.53 3.22 5.44
N VAL A 1 2.92 -2.40 2.07
CA VAL A 1 1.81 -2.24 1.08
C VAL A 1 0.74 -3.37 1.27
N CYS A 2 -0.50 -3.00 1.60
CA CYS A 2 -1.67 -3.92 1.47
C CYS A 2 -2.45 -3.82 0.10
N CYS A 3 -1.77 -3.89 -1.06
CA CYS A 3 -2.44 -3.86 -2.40
C CYS A 3 -1.58 -4.41 -3.60
N GLY A 4 -0.44 -3.78 -3.93
CA GLY A 4 0.24 -3.96 -5.24
C GLY A 4 0.84 -2.65 -5.75
N TYR A 5 0.00 -1.72 -6.24
CA TYR A 5 0.38 -0.28 -6.43
C TYR A 5 0.94 0.39 -5.12
N LYS A 6 2.18 0.90 -5.14
CA LYS A 6 2.94 1.30 -3.90
C LYS A 6 2.55 2.67 -3.21
N LEU A 7 1.26 3.03 -3.22
CA LEU A 7 0.69 4.14 -2.41
C LEU A 7 0.07 3.74 -1.03
N CYS A 8 -0.42 2.50 -0.88
CA CYS A 8 -1.31 2.05 0.22
C CYS A 8 -0.87 2.22 1.72
N HIS A 9 0.41 2.02 2.10
CA HIS A 9 0.82 2.02 3.53
C HIS A 9 1.11 3.47 4.07
N HYP A 10 0.52 4.01 5.18
CA HYP A 10 -0.27 3.24 6.18
C HYP A 10 -1.69 2.75 5.73
O HYP A 10 -2.51 3.50 5.17
CB HYP A 10 -0.32 4.23 7.36
CG HYP A 10 -0.22 5.62 6.73
CD HYP A 10 0.75 5.42 5.57
OD1 HYP A 10 0.26 6.57 7.66
HA HYP A 10 0.32 2.36 6.52
HB2 HYP A 10 -1.20 4.12 8.01
HB3 HYP A 10 0.56 4.05 8.03
HG HYP A 10 -1.22 5.93 6.34
HD22 HYP A 10 0.55 6.12 4.75
HD23 HYP A 10 1.79 5.56 5.90
HD1 HYP A 10 -0.33 6.52 8.44
N CYS A 11 -2.01 1.47 5.96
CA CYS A 11 -3.18 0.79 5.33
C CYS A 11 -4.57 1.14 5.94
N NH2 A 12 -4.80 2.49 5.98
HN1 NH2 A 12 -5.69 2.84 6.34
HN2 NH2 A 12 -4.08 3.15 5.64
N VAL A 1 3.32 -3.43 1.90
CA VAL A 1 2.02 -2.93 1.35
C VAL A 1 0.86 -3.98 1.43
N CYS A 2 -0.32 -3.54 1.87
CA CYS A 2 -1.57 -4.33 1.84
C CYS A 2 -2.19 -4.59 0.42
N CYS A 3 -2.32 -3.56 -0.44
CA CYS A 3 -2.90 -3.71 -1.82
C CYS A 3 -1.91 -4.25 -2.92
N GLY A 4 -0.79 -3.55 -3.17
CA GLY A 4 0.15 -3.85 -4.29
C GLY A 4 0.73 -2.57 -4.91
N TYR A 5 -0.05 -1.85 -5.73
CA TYR A 5 0.22 -0.43 -6.11
C TYR A 5 0.60 0.51 -4.90
N LYS A 6 1.77 1.16 -5.02
CA LYS A 6 2.46 1.79 -3.85
C LYS A 6 1.93 3.18 -3.34
N LEU A 7 0.73 3.63 -3.73
CA LEU A 7 -0.03 4.65 -2.95
C LEU A 7 -0.52 4.21 -1.53
N CYS A 8 -1.05 2.98 -1.37
CA CYS A 8 -1.68 2.44 -0.13
C CYS A 8 -1.13 2.71 1.32
N HIS A 9 0.17 2.53 1.60
CA HIS A 9 0.70 2.47 2.99
C HIS A 9 0.97 3.90 3.61
N HYP A 10 0.59 4.26 4.88
CA HYP A 10 0.13 3.32 5.94
C HYP A 10 -1.33 2.78 5.81
O HYP A 10 -2.24 3.48 5.36
CB HYP A 10 0.36 4.15 7.21
CG HYP A 10 0.14 5.60 6.78
CD HYP A 10 0.74 5.65 5.37
OD1 HYP A 10 0.79 6.52 7.66
HA HYP A 10 0.82 2.46 5.99
HB2 HYP A 10 -0.28 3.87 8.06
HB3 HYP A 10 1.41 4.01 7.55
HG HYP A 10 -0.95 5.80 6.74
HD22 HYP A 10 0.21 6.38 4.74
HD23 HYP A 10 1.81 5.95 5.40
HD1 HYP A 10 0.23 7.32 7.65
N CYS A 11 -1.52 1.50 6.15
CA CYS A 11 -2.72 0.72 5.78
C CYS A 11 -3.10 -0.30 6.89
N NH2 A 12 -4.46 -0.48 7.01
HN1 NH2 A 12 -4.83 -1.15 7.70
HN2 NH2 A 12 -5.10 0.06 6.43
N VAL A 1 3.83 -2.46 1.83
CA VAL A 1 2.51 -2.22 1.19
C VAL A 1 1.54 -3.44 1.40
N CYS A 2 0.31 -3.18 1.90
CA CYS A 2 -0.75 -4.23 1.99
C CYS A 2 -1.43 -4.65 0.64
N CYS A 3 -1.82 -3.70 -0.22
CA CYS A 3 -2.45 -4.00 -1.53
C CYS A 3 -1.53 -4.50 -2.70
N GLY A 4 -0.24 -4.08 -2.77
CA GLY A 4 0.58 -4.19 -4.01
C GLY A 4 0.87 -2.82 -4.66
N TYR A 5 -0.16 -2.14 -5.15
CA TYR A 5 -0.07 -0.75 -5.66
C TYR A 5 0.49 0.28 -4.60
N LYS A 6 1.63 0.90 -4.94
CA LYS A 6 2.43 1.73 -3.98
C LYS A 6 1.83 3.12 -3.50
N LEU A 7 0.51 3.33 -3.66
CA LEU A 7 -0.27 4.41 -2.99
C LEU A 7 -0.86 4.06 -1.56
N CYS A 8 -0.89 2.79 -1.13
CA CYS A 8 -1.59 2.35 0.10
C CYS A 8 -0.95 2.79 1.47
N HIS A 9 0.38 2.78 1.59
CA HIS A 9 1.08 2.73 2.91
C HIS A 9 1.35 4.14 3.57
N HYP A 10 1.28 4.39 4.92
CA HYP A 10 1.00 3.36 5.96
C HYP A 10 -0.46 2.79 6.01
O HYP A 10 -1.45 3.51 5.86
CB HYP A 10 1.41 4.08 7.27
CG HYP A 10 1.37 5.57 6.99
CD HYP A 10 1.66 5.69 5.49
OD1 HYP A 10 2.39 6.21 7.77
HA HYP A 10 1.70 2.52 5.82
HB2 HYP A 10 0.80 3.80 8.14
HB3 HYP A 10 2.45 3.79 7.52
HG HYP A 10 0.37 5.97 7.23
HD22 HYP A 10 1.09 6.53 5.04
HD23 HYP A 10 2.73 5.89 5.32
HD1 HYP A 10 2.18 7.17 7.82
N CYS A 11 -0.57 1.47 6.17
CA CYS A 11 -1.84 0.73 5.95
C CYS A 11 -2.41 0.14 7.28
N NH2 A 12 -3.68 0.58 7.56
HN1 NH2 A 12 -4.15 0.26 8.42
HN2 NH2 A 12 -4.15 1.24 6.92
N VAL A 1 4.15 -2.97 1.43
CA VAL A 1 2.80 -2.54 0.96
C VAL A 1 1.69 -3.64 1.17
N CYS A 2 0.53 -3.27 1.74
CA CYS A 2 -0.62 -4.22 1.95
C CYS A 2 -1.46 -4.67 0.69
N CYS A 3 -1.63 -3.75 -0.28
CA CYS A 3 -2.40 -3.98 -1.54
C CYS A 3 -1.59 -4.46 -2.80
N GLY A 4 -0.37 -3.93 -3.04
CA GLY A 4 0.37 -4.11 -4.32
C GLY A 4 0.77 -2.77 -4.98
N TYR A 5 -0.23 -1.93 -5.31
CA TYR A 5 -0.02 -0.50 -5.70
C TYR A 5 0.63 0.39 -4.58
N LYS A 6 1.67 1.14 -4.96
CA LYS A 6 2.51 1.89 -3.97
C LYS A 6 1.95 3.26 -3.43
N LEU A 7 0.65 3.56 -3.61
CA LEU A 7 -0.09 4.58 -2.80
C LEU A 7 -0.45 4.15 -1.33
N CYS A 8 -0.61 2.84 -1.06
CA CYS A 8 -1.17 2.29 0.19
C CYS A 8 -0.39 2.62 1.51
N HIS A 9 0.87 2.14 1.69
CA HIS A 9 1.56 2.16 3.00
C HIS A 9 1.97 3.60 3.50
N HYP A 10 1.76 4.07 4.76
CA HYP A 10 1.37 3.23 5.95
C HYP A 10 -0.13 2.78 6.03
O HYP A 10 -1.05 3.60 6.06
CB HYP A 10 1.79 4.16 7.11
CG HYP A 10 1.65 5.58 6.58
CD HYP A 10 2.09 5.45 5.13
OD1 HYP A 10 2.48 6.51 7.27
HA HYP A 10 2.03 2.34 6.00
HB2 HYP A 10 1.20 4.01 8.03
HB3 HYP A 10 2.85 3.97 7.38
HG HYP A 10 0.59 5.89 6.63
HD22 HYP A 10 1.58 6.19 4.48
HD23 HYP A 10 3.18 5.63 5.02
HD1 HYP A 10 2.35 7.35 6.79
N CYS A 11 -0.35 1.46 6.04
CA CYS A 11 -1.68 0.85 5.75
C CYS A 11 -2.13 -0.07 6.93
N NH2 A 12 -3.24 0.39 7.56
HN1 NH2 A 12 -3.64 -0.13 8.35
HN2 NH2 A 12 -3.69 1.27 7.26
N VAL A 1 2.52 -2.18 2.49
CA VAL A 1 1.54 -1.71 1.46
C VAL A 1 0.51 -2.84 1.13
N CYS A 2 -0.73 -2.74 1.66
CA CYS A 2 -1.73 -3.85 1.56
C CYS A 2 -2.27 -4.28 0.16
N CYS A 3 -2.44 -3.33 -0.79
CA CYS A 3 -2.86 -3.66 -2.18
C CYS A 3 -1.79 -4.29 -3.15
N GLY A 4 -0.61 -3.66 -3.31
CA GLY A 4 0.36 -3.99 -4.41
C GLY A 4 0.97 -2.78 -5.15
N TYR A 5 0.12 -1.86 -5.64
CA TYR A 5 0.49 -0.48 -6.07
C TYR A 5 1.07 0.39 -4.89
N LYS A 6 2.00 1.33 -5.13
CA LYS A 6 2.86 1.92 -4.06
C LYS A 6 2.24 3.12 -3.23
N LEU A 7 0.97 3.06 -2.85
CA LEU A 7 0.24 4.17 -2.13
C LEU A 7 -0.65 3.76 -0.91
N CYS A 8 -0.93 2.46 -0.69
CA CYS A 8 -1.94 1.98 0.28
C CYS A 8 -1.64 2.12 1.81
N HIS A 9 -0.40 1.98 2.30
CA HIS A 9 -0.09 2.14 3.75
C HIS A 9 0.02 3.63 4.25
N HYP A 10 -0.53 4.06 5.43
CA HYP A 10 -1.31 3.22 6.38
C HYP A 10 -2.74 2.78 5.92
O HYP A 10 -3.54 3.60 5.47
CB HYP A 10 -1.34 4.10 7.65
CG HYP A 10 -1.18 5.53 7.17
CD HYP A 10 -0.27 5.42 5.94
OD1 HYP A 10 -0.58 6.31 8.21
HA HYP A 10 -0.72 2.32 6.63
HB2 HYP A 10 -2.26 3.97 8.25
HB3 HYP A 10 -0.49 3.82 8.31
HG HYP A 10 -2.16 5.95 6.88
HD22 HYP A 10 -0.51 6.21 5.21
HD23 HYP A 10 0.79 5.54 6.23
HD1 HYP A 10 -1.07 6.08 9.02
N CYS A 11 -3.03 1.48 5.98
CA CYS A 11 -4.16 0.87 5.24
C CYS A 11 -5.46 0.74 6.10
N NH2 A 12 -6.32 1.79 5.92
HN1 NH2 A 12 -7.21 1.81 6.43
HN2 NH2 A 12 -6.06 2.57 5.29
N VAL A 1 3.12 -3.45 1.49
CA VAL A 1 1.88 -2.76 1.07
C VAL A 1 0.63 -3.71 1.09
N CYS A 2 -0.47 -3.23 1.68
CA CYS A 2 -1.77 -3.97 1.66
C CYS A 2 -2.44 -4.27 0.27
N CYS A 3 -2.31 -3.38 -0.73
CA CYS A 3 -2.92 -3.55 -2.07
C CYS A 3 -2.03 -4.10 -3.25
N GLY A 4 -0.73 -3.73 -3.37
CA GLY A 4 0.13 -4.14 -4.52
C GLY A 4 0.77 -2.98 -5.34
N TYR A 5 -0.06 -2.05 -5.81
CA TYR A 5 0.34 -0.65 -6.11
C TYR A 5 0.85 0.14 -4.84
N LYS A 6 1.95 0.88 -4.98
CA LYS A 6 2.63 1.53 -3.80
C LYS A 6 2.05 2.92 -3.31
N LEU A 7 0.75 3.18 -3.49
CA LEU A 7 0.05 4.32 -2.79
C LEU A 7 -0.46 3.98 -1.35
N CYS A 8 -1.05 2.79 -1.13
CA CYS A 8 -1.84 2.44 0.07
C CYS A 8 -1.24 2.71 1.50
N HIS A 9 0.02 2.35 1.80
CA HIS A 9 0.53 2.35 3.20
C HIS A 9 0.84 3.79 3.77
N HYP A 10 0.42 4.21 5.01
CA HYP A 10 -0.17 3.33 6.07
C HYP A 10 -1.69 2.95 5.92
O HYP A 10 -2.53 3.74 5.48
CB HYP A 10 0.15 4.15 7.33
CG HYP A 10 0.07 5.61 6.88
CD HYP A 10 0.70 5.58 5.49
OD1 HYP A 10 0.78 6.44 7.79
HA HYP A 10 0.42 2.40 6.14
HB2 HYP A 10 -0.53 3.93 8.17
HB3 HYP A 10 1.17 3.91 7.68
HG HYP A 10 -0.99 5.92 6.81
HD22 HYP A 10 0.24 6.34 4.84
HD23 HYP A 10 1.79 5.77 5.53
HD1 HYP A 10 0.26 6.45 8.61
N CYS A 11 -2.01 1.69 6.23
CA CYS A 11 -3.21 0.98 5.69
C CYS A 11 -3.77 -0.06 6.70
N NH2 A 12 -5.10 -0.29 6.54
HN1 NH2 A 12 -5.58 -0.99 7.12
HN2 NH2 A 12 -5.63 0.25 5.83
N VAL A 1 4.14 -2.90 2.17
CA VAL A 1 2.83 -2.60 1.51
C VAL A 1 1.75 -3.70 1.79
N CYS A 2 0.48 -3.33 1.99
CA CYS A 2 -0.64 -4.31 2.02
C CYS A 2 -1.18 -4.73 0.60
N CYS A 3 -1.58 -3.77 -0.24
CA CYS A 3 -2.22 -4.04 -1.56
C CYS A 3 -1.29 -4.53 -2.74
N GLY A 4 -0.13 -3.89 -2.96
CA GLY A 4 0.69 -4.07 -4.19
C GLY A 4 1.07 -2.73 -4.87
N TYR A 5 0.08 -1.97 -5.37
CA TYR A 5 0.28 -0.56 -5.84
C TYR A 5 0.80 0.41 -4.73
N LYS A 6 1.85 1.19 -5.03
CA LYS A 6 2.61 1.94 -3.98
C LYS A 6 2.00 3.29 -3.43
N LEU A 7 0.74 3.64 -3.72
CA LEU A 7 -0.05 4.61 -2.90
C LEU A 7 -0.58 4.11 -1.50
N CYS A 8 -0.64 2.78 -1.27
CA CYS A 8 -1.19 2.16 -0.04
C CYS A 8 -0.53 2.48 1.36
N HIS A 9 0.81 2.43 1.50
CA HIS A 9 1.46 2.47 2.84
C HIS A 9 1.65 3.94 3.42
N HYP A 10 1.37 4.26 4.71
CA HYP A 10 1.05 3.29 5.78
C HYP A 10 -0.39 2.65 5.74
O HYP A 10 -1.33 3.16 5.12
CB HYP A 10 1.29 4.13 7.05
CG HYP A 10 0.94 5.55 6.64
CD HYP A 10 1.48 5.65 5.21
OD1 HYP A 10 1.53 6.49 7.52
HA HYP A 10 1.79 2.48 5.77
HB2 HYP A 10 0.71 3.79 7.94
HB3 HYP A 10 2.36 4.08 7.34
HG HYP A 10 -0.16 5.68 6.63
HD22 HYP A 10 0.92 6.37 4.60
HD23 HYP A 10 2.54 5.98 5.21
HD1 HYP A 10 1.08 7.34 7.35
N CYS A 11 -0.51 1.47 6.34
CA CYS A 11 -1.68 0.58 6.11
C CYS A 11 -2.15 -0.11 7.41
N NH2 A 12 -3.34 0.37 7.88
HN1 NH2 A 12 -3.76 -0.03 8.74
HN2 NH2 A 12 -3.81 1.14 7.40
N VAL A 1 3.87 -3.63 2.82
CA VAL A 1 2.93 -3.09 1.82
C VAL A 1 1.87 -4.18 1.37
N CYS A 2 0.64 -4.01 1.88
CA CYS A 2 -0.52 -4.85 1.56
C CYS A 2 -0.97 -4.88 0.05
N CYS A 3 -1.33 -3.73 -0.53
CA CYS A 3 -2.01 -3.65 -1.85
C CYS A 3 -1.19 -4.09 -3.12
N GLY A 4 -0.19 -3.31 -3.55
CA GLY A 4 0.53 -3.54 -4.83
C GLY A 4 0.97 -2.25 -5.56
N TYR A 5 0.03 -1.33 -5.83
CA TYR A 5 0.36 0.10 -6.12
C TYR A 5 1.05 0.81 -4.89
N LYS A 6 2.13 1.56 -5.12
CA LYS A 6 3.11 1.89 -4.03
C LYS A 6 2.86 3.20 -3.19
N LEU A 7 1.62 3.69 -3.17
CA LEU A 7 1.12 4.71 -2.22
C LEU A 7 0.67 4.18 -0.81
N CYS A 8 0.18 2.93 -0.70
CA CYS A 8 -0.45 2.34 0.52
C CYS A 8 0.26 2.47 1.92
N HIS A 9 1.58 2.27 2.03
CA HIS A 9 2.27 1.99 3.33
C HIS A 9 2.72 3.29 4.09
N HYP A 10 2.38 3.58 5.39
CA HYP A 10 1.86 2.59 6.38
C HYP A 10 0.40 2.09 6.16
O HYP A 10 -0.50 2.87 5.83
CB HYP A 10 2.06 3.33 7.71
CG HYP A 10 2.07 4.82 7.38
CD HYP A 10 2.75 4.86 6.02
OD1 HYP A 10 2.82 5.54 8.36
HA HYP A 10 2.55 1.71 6.38
HB2 HYP A 10 1.29 3.09 8.48
HB3 HYP A 10 3.04 3.04 8.15
HG HYP A 10 1.03 5.21 7.30
HD22 HYP A 10 2.40 5.73 5.42
HD23 HYP A 10 3.85 4.95 6.12
HD1 HYP A 10 3.16 6.34 7.91
N CYS A 11 0.21 0.77 6.27
CA CYS A 11 -1.05 0.08 5.86
C CYS A 11 -1.70 -0.65 7.07
N NH2 A 12 -2.92 -0.15 7.42
HN1 NH2 A 12 -3.44 -0.56 8.21
HN2 NH2 A 12 -3.33 0.63 6.90
N VAL A 1 3.06 -2.20 3.38
CA VAL A 1 2.18 -1.93 2.22
C VAL A 1 1.17 -3.11 2.01
N CYS A 2 -0.09 -2.93 2.43
CA CYS A 2 -1.14 -3.95 2.30
C CYS A 2 -1.58 -4.39 0.84
N CYS A 3 -1.79 -3.45 -0.09
CA CYS A 3 -2.46 -3.72 -1.37
C CYS A 3 -1.62 -4.45 -2.48
N GLY A 4 -0.61 -3.78 -3.08
CA GLY A 4 0.02 -4.25 -4.34
C GLY A 4 0.52 -3.14 -5.29
N TYR A 5 -0.36 -2.19 -5.66
CA TYR A 5 0.05 -0.84 -6.15
C TYR A 5 0.72 0.03 -5.02
N LYS A 6 1.76 0.82 -5.34
CA LYS A 6 2.65 1.36 -4.26
C LYS A 6 2.34 2.79 -3.69
N LEU A 7 1.07 3.22 -3.68
CA LEU A 7 0.58 4.40 -2.89
C LEU A 7 -0.01 4.08 -1.46
N CYS A 8 -0.10 2.82 -1.02
CA CYS A 8 -0.95 2.41 0.13
C CYS A 8 -0.46 2.75 1.57
N HIS A 9 0.84 2.70 1.89
CA HIS A 9 1.32 2.79 3.29
C HIS A 9 1.60 4.25 3.79
N HYP A 10 1.09 4.77 4.96
CA HYP A 10 0.47 3.97 6.05
C HYP A 10 -0.96 3.41 5.79
O HYP A 10 -1.87 4.09 5.30
CB HYP A 10 0.54 4.94 7.24
CG HYP A 10 0.56 6.35 6.65
CD HYP A 10 1.37 6.16 5.37
OD1 HYP A 10 1.18 7.25 7.56
HA HYP A 10 1.17 3.14 6.29
HB2 HYP A 10 -0.29 4.81 7.96
HB3 HYP A 10 1.47 4.77 7.82
HG HYP A 10 -0.47 6.69 6.41
HD22 HYP A 10 1.08 6.90 4.60
HD23 HYP A 10 2.46 6.29 5.55
HD1 HYP A 10 1.66 7.92 7.03
N CYS A 11 -1.11 2.11 6.10
CA CYS A 11 -2.32 1.33 5.74
C CYS A 11 -3.11 0.88 7.00
N NH2 A 12 -4.39 1.35 7.03
HN1 NH2 A 12 -5.00 1.13 7.84
HN2 NH2 A 12 -4.76 1.92 6.26
N VAL A 1 3.09 -2.73 3.31
CA VAL A 1 2.18 -2.31 2.20
C VAL A 1 0.96 -3.29 2.10
N CYS A 2 -0.25 -2.73 2.29
CA CYS A 2 -1.50 -3.53 2.23
C CYS A 2 -2.00 -3.87 0.79
N CYS A 3 -2.32 -2.88 -0.08
CA CYS A 3 -2.77 -3.17 -1.47
C CYS A 3 -1.72 -3.63 -2.56
N GLY A 4 -0.44 -3.84 -2.24
CA GLY A 4 0.53 -4.58 -3.12
C GLY A 4 1.36 -3.75 -4.10
N TYR A 5 0.65 -2.97 -4.94
CA TYR A 5 1.23 -1.82 -5.70
C TYR A 5 1.87 -0.72 -4.78
N LYS A 6 2.83 0.07 -5.30
CA LYS A 6 3.58 1.05 -4.46
C LYS A 6 2.83 2.40 -4.23
N LEU A 7 1.81 2.34 -3.35
CA LEU A 7 0.88 3.44 -3.03
C LEU A 7 0.37 3.42 -1.53
N CYS A 8 0.04 2.24 -0.97
CA CYS A 8 -0.70 2.13 0.31
C CYS A 8 0.02 2.45 1.65
N HIS A 9 1.35 2.23 1.77
CA HIS A 9 2.06 2.39 3.07
C HIS A 9 2.41 3.89 3.39
N HYP A 10 2.16 4.49 4.60
CA HYP A 10 1.68 3.76 5.82
C HYP A 10 0.15 3.43 5.88
O HYP A 10 -0.71 4.30 5.69
CB HYP A 10 2.16 4.71 6.94
CG HYP A 10 2.20 6.11 6.33
CD HYP A 10 2.55 5.88 4.86
OD1 HYP A 10 3.19 6.89 6.99
HA HYP A 10 2.25 2.83 5.95
HB2 HYP A 10 1.54 4.66 7.85
HB3 HYP A 10 3.18 4.40 7.25
HG HYP A 10 1.20 6.58 6.42
HD22 HYP A 10 1.99 6.59 4.21
HD23 HYP A 10 3.62 6.04 4.66
HD1 HYP A 10 2.77 7.16 7.83
N CYS A 11 -0.18 2.14 6.10
CA CYS A 11 -1.57 1.64 5.91
C CYS A 11 -2.35 1.56 7.26
N NH2 A 12 -3.41 2.42 7.33
HN1 NH2 A 12 -3.99 2.46 8.19
HN2 NH2 A 12 -3.64 3.02 6.53
N VAL A 1 4.14 -2.90 2.70
CA VAL A 1 3.01 -2.44 1.85
C VAL A 1 1.91 -3.54 1.74
N CYS A 2 0.74 -3.28 2.36
CA CYS A 2 -0.39 -4.25 2.41
C CYS A 2 -1.13 -4.55 1.05
N CYS A 3 -1.57 -3.53 0.29
CA CYS A 3 -2.16 -3.74 -1.06
C CYS A 3 -1.24 -4.30 -2.20
N GLY A 4 0.07 -4.01 -2.15
CA GLY A 4 1.08 -4.49 -3.16
C GLY A 4 1.72 -3.39 -4.03
N TYR A 5 0.88 -2.60 -4.70
CA TYR A 5 1.27 -1.40 -5.49
C TYR A 5 1.84 -0.22 -4.61
N LYS A 6 2.72 0.60 -5.21
CA LYS A 6 3.39 1.72 -4.49
C LYS A 6 2.46 2.96 -4.29
N LEU A 7 1.57 2.83 -3.29
CA LEU A 7 0.55 3.84 -2.89
C LEU A 7 0.06 3.69 -1.38
N CYS A 8 0.05 2.47 -0.81
CA CYS A 8 -0.57 2.14 0.50
C CYS A 8 0.24 2.31 1.84
N HIS A 9 1.58 2.25 1.84
CA HIS A 9 2.39 2.34 3.09
C HIS A 9 2.68 3.83 3.53
N HYP A 10 2.48 4.29 4.80
CA HYP A 10 2.12 3.44 5.98
C HYP A 10 0.63 2.96 6.05
O HYP A 10 -0.32 3.74 5.86
CB HYP A 10 2.51 4.35 7.15
CG HYP A 10 2.35 5.78 6.65
CD HYP A 10 2.80 5.68 5.19
OD1 HYP A 10 3.17 6.65 7.41
HA HYP A 10 2.79 2.57 6.02
HB2 HYP A 10 1.91 4.17 8.07
HB3 HYP A 10 3.57 4.15 7.43
HG HYP A 10 1.29 6.09 6.70
HD22 HYP A 10 2.29 6.43 4.56
HD23 HYP A 10 3.90 5.87 5.10
HD1 HYP A 10 3.42 6.15 8.21
N CYS A 11 0.44 1.65 6.24
CA CYS A 11 -0.87 0.98 6.07
C CYS A 11 -1.89 1.30 7.20
N NH2 A 12 -2.72 2.33 6.90
HN1 NH2 A 12 -3.43 2.65 7.57
HN2 NH2 A 12 -2.64 2.81 5.98
N VAL A 1 3.21 -1.92 1.88
CA VAL A 1 2.00 -1.97 1.01
C VAL A 1 1.00 -3.08 1.48
N CYS A 2 -0.12 -2.67 2.12
CA CYS A 2 -1.28 -3.55 2.36
C CYS A 2 -2.33 -3.73 1.19
N CYS A 3 -1.97 -3.45 -0.07
CA CYS A 3 -2.86 -3.65 -1.26
C CYS A 3 -2.16 -4.40 -2.46
N GLY A 4 -1.18 -3.76 -3.11
CA GLY A 4 -0.48 -4.30 -4.31
C GLY A 4 0.25 -3.19 -5.10
N TYR A 5 -0.53 -2.33 -5.77
CA TYR A 5 -0.06 -1.01 -6.32
C TYR A 5 0.49 -0.07 -5.19
N LYS A 6 1.64 0.59 -5.39
CA LYS A 6 2.47 1.13 -4.24
C LYS A 6 2.00 2.49 -3.60
N LEU A 7 0.68 2.66 -3.39
CA LEU A 7 0.06 3.88 -2.83
C LEU A 7 -0.92 3.55 -1.66
N CYS A 8 -0.41 2.84 -0.63
CA CYS A 8 -1.23 2.28 0.47
C CYS A 8 -0.75 2.59 1.92
N HIS A 9 0.55 2.48 2.28
CA HIS A 9 0.99 2.70 3.69
C HIS A 9 1.12 4.22 4.11
N HYP A 10 0.55 4.71 5.25
CA HYP A 10 -0.11 3.87 6.29
C HYP A 10 -1.60 3.44 6.01
O HYP A 10 -2.40 4.15 5.40
CB HYP A 10 0.05 4.72 7.55
CG HYP A 10 0.12 6.17 7.09
CD HYP A 10 0.82 6.09 5.74
OD1 HYP A 10 0.84 6.91 8.05
HA HYP A 10 0.50 2.95 6.43
HB2 HYP A 10 -0.73 4.54 8.31
HB3 HYP A 10 1.01 4.42 8.01
HG HYP A 10 -0.91 6.57 6.97
HD22 HYP A 10 0.44 6.85 5.04
HD23 HYP A 10 1.91 6.25 5.85
HD1 HYP A 10 0.99 6.32 8.81
N CYS A 11 -1.94 2.22 6.46
CA CYS A 11 -3.09 1.47 5.90
C CYS A 11 -4.46 2.01 6.43
N NH2 A 12 -5.27 2.46 5.42
HN1 NH2 A 12 -4.85 2.43 4.55
N VAL A 1 3.48 -1.62 1.94
CA VAL A 1 2.33 -1.55 1.00
C VAL A 1 1.26 -2.65 1.35
N CYS A 2 0.16 -2.32 2.02
CA CYS A 2 -0.94 -3.32 2.28
C CYS A 2 -2.00 -3.45 1.14
N CYS A 3 -1.49 -3.69 -0.08
CA CYS A 3 -2.29 -3.93 -1.32
C CYS A 3 -1.43 -4.61 -2.44
N GLY A 4 -0.39 -3.94 -2.98
CA GLY A 4 0.33 -4.39 -4.21
C GLY A 4 0.85 -3.23 -5.10
N TYR A 5 -0.05 -2.38 -5.62
CA TYR A 5 0.31 -1.05 -6.20
C TYR A 5 0.89 -0.04 -5.13
N LYS A 6 1.91 0.75 -5.49
CA LYS A 6 2.79 1.43 -4.47
C LYS A 6 2.31 2.82 -3.93
N LEU A 7 1.07 2.90 -3.41
CA LEU A 7 0.49 4.10 -2.73
C LEU A 7 -0.12 3.83 -1.28
N CYS A 8 -0.37 2.55 -0.93
CA CYS A 8 -1.17 2.14 0.24
C CYS A 8 -0.63 2.48 1.68
N HIS A 9 0.62 2.11 2.02
CA HIS A 9 1.18 2.32 3.39
C HIS A 9 1.44 3.82 3.78
N HYP A 10 1.15 4.30 5.03
CA HYP A 10 0.72 3.46 6.19
C HYP A 10 -0.74 2.89 6.11
O HYP A 10 -1.62 3.41 5.41
CB HYP A 10 0.99 4.41 7.37
CG HYP A 10 0.90 5.83 6.82
CD HYP A 10 1.38 5.72 5.38
OD1 HYP A 10 1.75 6.69 7.56
HA HYP A 10 1.41 2.60 6.29
HB2 HYP A 10 0.30 4.23 8.22
HB3 HYP A 10 2.01 4.22 7.76
HG HYP A 10 -0.15 6.19 6.85
HD22 HYP A 10 0.81 6.40 4.72
HD23 HYP A 10 2.45 5.97 5.29
HD1 HYP A 10 1.64 6.45 8.51
N CYS A 11 -0.97 1.72 6.76
CA CYS A 11 -2.19 0.93 6.46
C CYS A 11 -3.50 1.46 7.13
N NH2 A 12 -4.44 1.86 6.21
HN1 NH2 A 12 -5.34 2.24 6.54
HN2 NH2 A 12 -4.25 1.78 5.20
N VAL A 1 3.60 -2.18 2.19
CA VAL A 1 2.39 -1.96 1.34
C VAL A 1 1.36 -3.13 1.49
N CYS A 2 0.18 -2.83 2.05
CA CYS A 2 -0.92 -3.83 2.18
C CYS A 2 -1.77 -4.16 0.91
N CYS A 3 -1.83 -3.31 -0.13
CA CYS A 3 -2.55 -3.63 -1.40
C CYS A 3 -1.72 -4.26 -2.57
N GLY A 4 -0.42 -3.93 -2.73
CA GLY A 4 0.37 -4.32 -3.94
C GLY A 4 0.85 -3.13 -4.79
N TYR A 5 -0.10 -2.34 -5.30
CA TYR A 5 0.15 -0.98 -5.86
C TYR A 5 0.80 0.00 -4.82
N LYS A 6 1.87 0.72 -5.21
CA LYS A 6 2.75 1.46 -4.24
C LYS A 6 2.24 2.88 -3.79
N LEU A 7 0.97 2.94 -3.39
CA LEU A 7 0.28 4.12 -2.76
C LEU A 7 -0.27 3.85 -1.31
N CYS A 8 -0.46 2.58 -0.88
CA CYS A 8 -1.25 2.23 0.33
C CYS A 8 -0.63 2.49 1.74
N HIS A 9 0.70 2.61 1.90
CA HIS A 9 1.37 2.65 3.24
C HIS A 9 1.69 4.09 3.74
N HYP A 10 1.33 4.59 4.97
CA HYP A 10 0.80 3.76 6.09
C HYP A 10 -0.69 3.29 5.95
O HYP A 10 -1.60 4.06 5.62
CB HYP A 10 1.02 4.69 7.30
CG HYP A 10 0.95 6.11 6.74
CD HYP A 10 1.63 5.98 5.38
OD1 HYP A 10 1.64 7.02 7.58
HA HYP A 10 1.45 2.87 6.24
HB2 HYP A 10 0.30 4.53 8.12
HB3 HYP A 10 2.02 4.51 7.72
HG HYP A 10 -0.10 6.42 6.61
HD22 HYP A 10 1.23 6.71 4.66
HD23 HYP A 10 2.72 6.13 5.44
HD1 HYP A 10 1.23 6.94 8.46
N CYS A 11 -0.91 1.98 6.15
CA CYS A 11 -2.17 1.29 5.77
C CYS A 11 -3.41 1.63 6.65
N NH2 A 12 -4.11 2.71 6.20
HN1 NH2 A 12 -4.96 3.03 6.69
HN2 NH2 A 12 -3.79 3.22 5.36
N VAL A 1 2.07 -2.34 2.57
CA VAL A 1 1.18 -2.06 1.41
C VAL A 1 0.13 -3.19 1.24
N CYS A 2 -1.14 -2.89 1.58
CA CYS A 2 -2.27 -3.85 1.40
C CYS A 2 -2.62 -4.29 -0.07
N CYS A 3 -2.58 -3.36 -1.03
CA CYS A 3 -2.87 -3.66 -2.46
C CYS A 3 -1.73 -4.33 -3.30
N GLY A 4 -0.52 -3.74 -3.35
CA GLY A 4 0.51 -4.05 -4.39
C GLY A 4 1.02 -2.80 -5.14
N TYR A 5 0.10 -2.00 -5.69
CA TYR A 5 0.30 -0.55 -5.97
C TYR A 5 0.84 0.29 -4.75
N LYS A 6 1.93 1.05 -4.96
CA LYS A 6 2.68 1.73 -3.87
C LYS A 6 2.14 3.17 -3.52
N LEU A 7 0.88 3.24 -3.09
CA LEU A 7 0.30 4.36 -2.31
C LEU A 7 -0.35 3.92 -0.94
N CYS A 8 -0.96 2.73 -0.90
CA CYS A 8 -1.98 2.30 0.08
C CYS A 8 -1.72 2.51 1.61
N HIS A 9 -0.56 2.08 2.15
CA HIS A 9 -0.29 2.18 3.62
C HIS A 9 0.06 3.64 4.16
N HYP A 10 -0.55 4.20 5.25
CA HYP A 10 -1.48 3.49 6.18
C HYP A 10 -2.91 3.20 5.62
O HYP A 10 -3.57 4.09 5.07
CB HYP A 10 -1.51 4.46 7.38
CG HYP A 10 -1.25 5.84 6.80
CD HYP A 10 -0.22 5.57 5.71
OD1 HYP A 10 -0.77 6.70 7.83
HA HYP A 10 -1.02 2.55 6.52
HB2 HYP A 10 -2.45 4.42 7.97
HB3 HYP A 10 -0.70 4.18 8.09
HG HYP A 10 -2.18 6.26 6.36
HD22 HYP A 10 -0.27 6.32 4.90
HD23 HYP A 10 0.81 5.59 6.12
HD1 HYP A 10 -1.34 6.54 8.60
N CYS A 11 -3.38 1.95 5.74
CA CYS A 11 -4.46 1.41 4.87
C CYS A 11 -5.80 1.22 5.64
N NH2 A 12 -6.79 2.05 5.18
HN1 NH2 A 12 -7.73 2.01 5.60
HN2 NH2 A 12 -6.61 2.72 4.42
#